data_4FTR
#
_entry.id   4FTR
#
_cell.length_a   45.088
_cell.length_b   65.688
_cell.length_c   57.899
_cell.angle_alpha   90.000
_cell.angle_beta   94.750
_cell.angle_gamma   90.000
#
_symmetry.space_group_name_H-M   'P 1 21 1'
#
loop_
_entity.id
_entity.type
_entity.pdbx_description
1 polymer 'Serine/threonine-protein kinase Chk1'
2 non-polymer 2-[3-(3-methoxy-4-nitrophenyl)-11-oxo-10,11-dihydro-5H-dibenzo[b,e][1,4]diazepin-8-yl]-N,N-dimethylacetamide
3 non-polymer 'SULFATE ION'
4 non-polymer GLYCEROL
5 non-polymer 'ISOPROPYL ALCOHOL'
6 water water
#
_entity_poly.entity_id   1
_entity_poly.type   'polypeptide(L)'
_entity_poly.pdbx_seq_one_letter_code
;AVPFVEDWDLVQTLGEGAYGEVQLAVNRVTEEAVAVKIVDMKRAVDCPENIKKEICINKMLNHENVVKFYGHRREGNIQY
LFLEYCSGGELFDRIEPDIGMPEPDAQRFFHQLMAGVVYLHGIGITHRDIKPENLLLDERDNLKISDFGLATVFRYNNRE
RLLNKMCGTLPYVAPELLKRREFHAEPVDVWSCGIVLTAMLAGELPWDQPSDSCQEYSDWKEKKTYLNPWKKIDSAPLAL
LHKILVENPSARITIPDIKKDRWYNKPLKKGAKRPRVTS
;
_entity_poly.pdbx_strand_id   A
#
loop_
_chem_comp.id
_chem_comp.type
_chem_comp.name
_chem_comp.formula
5HK non-polymer 2-[3-(3-methoxy-4-nitrophenyl)-11-oxo-10,11-dihydro-5H-dibenzo[b,e][1,4]diazepin-8-yl]-N,N-dimethylacetamide 'C24 H22 N4 O5'
GOL non-polymer GLYCEROL 'C3 H8 O3'
IPA non-polymer 'ISOPROPYL ALCOHOL' 'C3 H8 O'
SO4 non-polymer 'SULFATE ION' 'O4 S -2'
#
# COMPACT_ATOMS: atom_id res chain seq x y z
N VAL A 2 -11.27 -36.24 1.24
CA VAL A 2 -11.90 -35.99 -0.06
C VAL A 2 -10.82 -35.98 -1.15
N PRO A 3 -10.90 -36.87 -2.18
CA PRO A 3 -9.88 -36.85 -3.24
C PRO A 3 -9.92 -35.59 -4.11
N PHE A 4 -8.75 -35.27 -4.73
CA PHE A 4 -8.48 -34.18 -5.69
C PHE A 4 -8.72 -32.75 -5.13
N VAL A 5 -9.09 -32.61 -3.84
CA VAL A 5 -9.33 -31.31 -3.18
C VAL A 5 -8.01 -30.48 -3.09
N GLU A 6 -6.84 -31.14 -3.20
CA GLU A 6 -5.53 -30.49 -3.14
C GLU A 6 -5.02 -30.07 -4.52
N ASP A 7 -5.73 -30.45 -5.60
CA ASP A 7 -5.34 -30.14 -6.99
C ASP A 7 -5.90 -28.80 -7.45
N TRP A 8 -5.01 -27.93 -7.91
CA TRP A 8 -5.32 -26.58 -8.42
C TRP A 8 -4.92 -26.45 -9.88
N ASP A 9 -5.79 -25.87 -10.70
CA ASP A 9 -5.48 -25.59 -12.09
C ASP A 9 -5.08 -24.13 -12.21
N LEU A 10 -3.92 -23.85 -12.84
CA LEU A 10 -3.46 -22.48 -13.07
C LEU A 10 -4.13 -22.03 -14.36
N VAL A 11 -5.05 -21.05 -14.26
CA VAL A 11 -5.86 -20.65 -15.42
C VAL A 11 -5.36 -19.37 -16.15
N GLN A 12 -4.72 -18.40 -15.45
CA GLN A 12 -4.18 -17.20 -16.10
C GLN A 12 -3.18 -16.44 -15.22
N THR A 13 -2.27 -15.70 -15.88
CA THR A 13 -1.20 -14.92 -15.26
C THR A 13 -1.79 -13.63 -14.68
N LEU A 14 -1.44 -13.36 -13.40
CA LEU A 14 -1.89 -12.18 -12.68
C LEU A 14 -0.76 -11.13 -12.60
N GLY A 15 0.48 -11.64 -12.62
CA GLY A 15 1.72 -10.87 -12.58
C GLY A 15 2.91 -11.74 -12.94
N GLU A 16 4.02 -11.12 -13.38
CA GLU A 16 5.24 -11.84 -13.77
C GLU A 16 6.49 -10.99 -13.54
N TYR A 19 11.37 -11.59 -9.99
CA TYR A 19 10.97 -12.38 -8.82
C TYR A 19 10.45 -13.77 -9.25
N GLY A 20 9.69 -13.79 -10.35
CA GLY A 20 9.03 -14.96 -10.89
C GLY A 20 7.68 -14.56 -11.45
N GLU A 21 6.62 -15.30 -11.11
CA GLU A 21 5.27 -15.01 -11.60
C GLU A 21 4.16 -15.30 -10.57
N VAL A 22 2.97 -14.77 -10.83
CA VAL A 22 1.77 -14.95 -10.03
C VAL A 22 0.65 -15.47 -10.95
N GLN A 23 0.04 -16.61 -10.60
CA GLN A 23 -1.04 -17.20 -11.38
C GLN A 23 -2.34 -17.27 -10.59
N LEU A 24 -3.47 -17.17 -11.31
CA LEU A 24 -4.79 -17.39 -10.73
C LEU A 24 -5.01 -18.91 -10.74
N ALA A 25 -5.21 -19.51 -9.55
CA ALA A 25 -5.42 -20.94 -9.37
C ALA A 25 -6.85 -21.22 -8.97
N VAL A 26 -7.45 -22.26 -9.58
CA VAL A 26 -8.82 -22.68 -9.35
C VAL A 26 -8.80 -24.13 -8.85
N ASN A 27 -9.49 -24.40 -7.73
CA ASN A 27 -9.54 -25.73 -7.19
C ASN A 27 -10.38 -26.64 -8.10
N ARG A 28 -9.83 -27.83 -8.39
CA ARG A 28 -10.40 -28.87 -9.23
C ARG A 28 -11.77 -29.34 -8.69
N VAL A 29 -11.92 -29.45 -7.36
CA VAL A 29 -13.15 -29.93 -6.75
C VAL A 29 -14.10 -28.78 -6.41
N THR A 30 -13.64 -27.80 -5.60
CA THR A 30 -14.50 -26.75 -5.06
C THR A 30 -14.66 -25.51 -5.95
N GLU A 31 -13.76 -25.33 -6.95
CA GLU A 31 -13.69 -24.17 -7.85
C GLU A 31 -13.35 -22.86 -7.09
N GLU A 32 -12.74 -22.98 -5.89
CA GLU A 32 -12.27 -21.82 -5.11
C GLU A 32 -11.09 -21.18 -5.84
N ALA A 33 -11.12 -19.87 -6.00
CA ALA A 33 -10.04 -19.13 -6.67
C ALA A 33 -9.02 -18.63 -5.64
N VAL A 34 -7.72 -18.88 -5.90
CA VAL A 34 -6.60 -18.40 -5.09
C VAL A 34 -5.49 -17.91 -6.03
N ALA A 35 -4.61 -17.02 -5.55
CA ALA A 35 -3.46 -16.52 -6.29
C ALA A 35 -2.20 -17.27 -5.84
N VAL A 36 -1.41 -17.78 -6.79
CA VAL A 36 -0.20 -18.53 -6.44
C VAL A 36 1.02 -17.80 -6.97
N LYS A 37 1.86 -17.36 -6.03
CA LYS A 37 3.10 -16.65 -6.34
C LYS A 37 4.23 -17.67 -6.39
N ILE A 38 4.95 -17.72 -7.53
CA ILE A 38 6.03 -18.67 -7.82
C ILE A 38 7.37 -17.92 -7.86
N VAL A 39 8.23 -18.18 -6.84
CA VAL A 39 9.54 -17.55 -6.67
C VAL A 39 10.63 -18.63 -6.63
N GLU A 49 17.06 -13.36 -0.02
CA GLU A 49 16.42 -14.01 1.12
C GLU A 49 15.10 -13.30 1.51
N ASN A 50 14.66 -12.31 0.70
CA ASN A 50 13.41 -11.55 0.93
C ASN A 50 12.16 -12.44 0.74
N ILE A 51 12.30 -13.63 0.12
CA ILE A 51 11.19 -14.58 -0.05
C ILE A 51 10.93 -15.31 1.29
N LYS A 52 12.02 -15.61 2.05
CA LYS A 52 11.96 -16.22 3.37
C LYS A 52 11.29 -15.25 4.36
N LYS A 53 11.60 -13.95 4.21
CA LYS A 53 11.04 -12.86 5.01
C LYS A 53 9.58 -12.59 4.62
N GLU A 54 9.24 -12.71 3.30
CA GLU A 54 7.88 -12.53 2.76
C GLU A 54 6.89 -13.53 3.37
N ILE A 55 7.31 -14.81 3.46
CA ILE A 55 6.51 -15.91 4.00
C ILE A 55 6.32 -15.70 5.51
N CYS A 56 7.43 -15.39 6.20
CA CYS A 56 7.49 -15.13 7.64
CA CYS A 56 7.42 -15.19 7.64
C CYS A 56 6.59 -13.96 8.02
N ILE A 57 6.67 -12.84 7.27
CA ILE A 57 5.84 -11.66 7.56
C ILE A 57 4.35 -12.02 7.28
N ASN A 58 4.08 -12.74 6.16
CA ASN A 58 2.73 -13.17 5.77
C ASN A 58 2.05 -14.08 6.80
N LYS A 59 2.83 -14.97 7.46
CA LYS A 59 2.37 -15.90 8.51
C LYS A 59 1.90 -15.13 9.75
N MET A 60 2.42 -13.93 9.96
CA MET A 60 2.02 -13.04 11.06
C MET A 60 0.69 -12.31 10.79
N LEU A 61 0.27 -12.19 9.51
CA LEU A 61 -0.86 -11.35 9.08
C LEU A 61 -2.25 -12.00 9.05
N ASN A 62 -3.22 -11.25 9.60
CA ASN A 62 -4.63 -11.62 9.64
C ASN A 62 -5.48 -10.36 9.83
N HIS A 63 -5.94 -9.80 8.70
CA HIS A 63 -6.76 -8.58 8.66
C HIS A 63 -7.55 -8.52 7.37
N GLU A 64 -8.79 -8.00 7.44
CA GLU A 64 -9.73 -7.88 6.33
C GLU A 64 -9.21 -6.98 5.16
N ASN A 65 -8.25 -6.06 5.45
CA ASN A 65 -7.67 -5.16 4.44
C ASN A 65 -6.22 -5.53 4.08
N VAL A 66 -5.83 -6.78 4.36
CA VAL A 66 -4.50 -7.32 4.03
C VAL A 66 -4.75 -8.63 3.30
N VAL A 67 -4.10 -8.84 2.13
CA VAL A 67 -4.22 -10.08 1.34
C VAL A 67 -3.87 -11.28 2.26
N LYS A 68 -4.84 -12.17 2.43
CA LYS A 68 -4.73 -13.35 3.30
C LYS A 68 -3.74 -14.34 2.75
N PHE A 69 -2.92 -14.88 3.65
CA PHE A 69 -1.93 -15.91 3.34
C PHE A 69 -2.51 -17.26 3.75
N TYR A 70 -2.59 -18.22 2.81
CA TYR A 70 -3.15 -19.56 3.09
C TYR A 70 -2.07 -20.59 3.43
N GLY A 71 -0.86 -20.35 2.95
CA GLY A 71 0.28 -21.22 3.18
C GLY A 71 1.30 -21.20 2.06
N HIS A 72 2.37 -21.97 2.23
CA HIS A 72 3.44 -22.09 1.23
C HIS A 72 3.83 -23.55 1.02
N ARG A 73 4.23 -23.90 -0.21
CA ARG A 73 4.69 -25.22 -0.59
C ARG A 73 6.03 -25.10 -1.30
N ARG A 74 7.02 -25.90 -0.85
CA ARG A 74 8.36 -25.89 -1.43
C ARG A 74 8.59 -27.15 -2.29
N GLU A 75 8.87 -26.93 -3.58
CA GLU A 75 9.13 -28.00 -4.55
C GLU A 75 10.51 -27.77 -5.18
N GLY A 76 11.54 -28.27 -4.51
CA GLY A 76 12.93 -28.14 -4.93
C GLY A 76 13.48 -26.74 -4.73
N ASN A 77 13.59 -25.98 -5.82
CA ASN A 77 14.12 -24.62 -5.83
C ASN A 77 13.00 -23.55 -5.98
N ILE A 78 11.79 -23.98 -6.42
CA ILE A 78 10.65 -23.07 -6.62
C ILE A 78 9.72 -23.05 -5.41
N GLN A 79 9.45 -21.83 -4.89
CA GLN A 79 8.55 -21.59 -3.75
C GLN A 79 7.17 -21.16 -4.24
N TYR A 80 6.11 -21.77 -3.68
CA TYR A 80 4.73 -21.49 -4.04
C TYR A 80 4.02 -20.81 -2.87
N LEU A 81 3.55 -19.57 -3.07
CA LEU A 81 2.85 -18.81 -2.03
C LEU A 81 1.37 -18.75 -2.37
N PHE A 82 0.54 -19.34 -1.50
CA PHE A 82 -0.91 -19.40 -1.68
C PHE A 82 -1.54 -18.20 -0.98
N LEU A 83 -2.11 -17.31 -1.80
CA LEU A 83 -2.67 -16.05 -1.33
C LEU A 83 -4.09 -15.82 -1.80
N GLU A 84 -4.81 -14.96 -1.06
CA GLU A 84 -6.19 -14.54 -1.31
C GLU A 84 -6.31 -13.92 -2.70
N TYR A 85 -7.27 -14.41 -3.48
CA TYR A 85 -7.50 -13.88 -4.81
C TYR A 85 -8.48 -12.72 -4.73
N CYS A 86 -8.08 -11.60 -5.32
CA CYS A 86 -8.86 -10.38 -5.35
C CYS A 86 -9.31 -10.16 -6.81
N SER A 87 -10.59 -10.53 -7.11
CA SER A 87 -11.17 -10.51 -8.46
C SER A 87 -11.33 -9.11 -9.07
N GLY A 88 -11.39 -8.06 -8.23
CA GLY A 88 -11.51 -6.67 -8.67
C GLY A 88 -10.23 -6.07 -9.24
N GLY A 89 -9.14 -6.81 -9.14
CA GLY A 89 -7.85 -6.38 -9.64
C GLY A 89 -7.19 -5.28 -8.82
N GLU A 90 -6.42 -4.43 -9.48
CA GLU A 90 -5.64 -3.39 -8.82
C GLU A 90 -6.36 -2.05 -8.75
N LEU A 91 -6.21 -1.32 -7.61
CA LEU A 91 -6.72 0.04 -7.42
C LEU A 91 -6.20 0.92 -8.56
N PHE A 92 -4.96 0.66 -9.04
CA PHE A 92 -4.35 1.37 -10.14
C PHE A 92 -5.31 1.51 -11.33
N ASP A 93 -6.06 0.45 -11.67
CA ASP A 93 -6.98 0.44 -12.81
C ASP A 93 -8.35 1.08 -12.53
N ARG A 94 -8.58 1.60 -11.31
CA ARG A 94 -9.82 2.33 -10.98
C ARG A 94 -9.57 3.83 -11.09
N ILE A 95 -8.29 4.23 -11.26
CA ILE A 95 -7.85 5.61 -11.37
C ILE A 95 -7.83 5.99 -12.86
N GLU A 96 -8.71 6.91 -13.25
CA GLU A 96 -8.78 7.39 -14.63
C GLU A 96 -7.64 8.40 -14.83
N PRO A 97 -6.73 8.18 -15.80
CA PRO A 97 -5.59 9.13 -15.97
C PRO A 97 -6.04 10.59 -16.10
N ASP A 98 -5.39 11.50 -15.35
CA ASP A 98 -5.65 12.94 -15.30
C ASP A 98 -7.03 13.32 -14.69
N ILE A 99 -7.83 12.35 -14.24
CA ILE A 99 -9.15 12.61 -13.63
C ILE A 99 -9.22 12.05 -12.17
N GLY A 100 -8.84 10.80 -12.01
CA GLY A 100 -8.89 10.12 -10.72
C GLY A 100 -10.12 9.24 -10.66
N MET A 101 -10.96 9.45 -9.64
CA MET A 101 -12.19 8.70 -9.43
C MET A 101 -13.14 9.57 -8.57
N PRO A 102 -14.44 9.23 -8.43
CA PRO A 102 -15.32 10.04 -7.55
C PRO A 102 -14.77 10.10 -6.13
N GLU A 103 -14.80 11.30 -5.52
CA GLU A 103 -14.32 11.56 -4.15
C GLU A 103 -14.87 10.54 -3.13
N PRO A 104 -16.19 10.14 -3.14
CA PRO A 104 -16.66 9.15 -2.15
C PRO A 104 -15.98 7.77 -2.28
N ASP A 105 -15.63 7.34 -3.52
CA ASP A 105 -14.89 6.08 -3.73
C ASP A 105 -13.49 6.18 -3.13
N ALA A 106 -12.80 7.29 -3.43
CA ALA A 106 -11.45 7.55 -2.92
C ALA A 106 -11.46 7.58 -1.38
N GLN A 107 -12.48 8.23 -0.79
CA GLN A 107 -12.56 8.28 0.68
C GLN A 107 -12.73 6.88 1.28
N ARG A 108 -13.63 6.06 0.71
CA ARG A 108 -13.85 4.69 1.18
C ARG A 108 -12.55 3.88 1.02
N PHE A 109 -11.85 3.98 -0.14
CA PHE A 109 -10.59 3.24 -0.33
C PHE A 109 -9.53 3.73 0.65
N PHE A 110 -9.51 5.05 0.92
CA PHE A 110 -8.58 5.63 1.89
C PHE A 110 -8.88 5.14 3.33
N HIS A 111 -10.17 5.06 3.73
CA HIS A 111 -10.53 4.50 5.05
C HIS A 111 -9.96 3.08 5.22
N GLN A 112 -10.19 2.22 4.20
CA GLN A 112 -9.76 0.82 4.16
C GLN A 112 -8.25 0.70 4.15
N LEU A 113 -7.57 1.61 3.43
CA LEU A 113 -6.11 1.67 3.39
C LEU A 113 -5.56 2.01 4.78
N MET A 114 -6.19 2.97 5.47
CA MET A 114 -5.82 3.34 6.84
C MET A 114 -6.03 2.19 7.80
N ALA A 115 -7.17 1.45 7.67
CA ALA A 115 -7.43 0.28 8.50
C ALA A 115 -6.30 -0.76 8.35
N GLY A 116 -5.92 -1.06 7.11
CA GLY A 116 -4.85 -2.03 6.83
C GLY A 116 -3.48 -1.58 7.33
N VAL A 117 -3.15 -0.29 7.17
CA VAL A 117 -1.88 0.29 7.59
C VAL A 117 -1.81 0.37 9.13
N VAL A 118 -2.91 0.74 9.82
CA VAL A 118 -3.00 0.76 11.30
C VAL A 118 -2.68 -0.62 11.83
N TYR A 119 -3.27 -1.65 11.18
CA TYR A 119 -3.11 -3.05 11.58
C TYR A 119 -1.65 -3.44 11.48
N LEU A 120 -1.01 -3.20 10.33
CA LEU A 120 0.39 -3.53 10.08
C LEU A 120 1.32 -2.84 11.06
N HIS A 121 1.14 -1.51 11.27
CA HIS A 121 1.97 -0.76 12.18
C HIS A 121 1.78 -1.24 13.62
N GLY A 122 0.54 -1.62 13.98
CA GLY A 122 0.20 -2.14 15.31
C GLY A 122 0.95 -3.41 15.70
N ILE A 123 1.29 -4.25 14.70
CA ILE A 123 2.04 -5.49 14.92
C ILE A 123 3.54 -5.29 14.56
N GLY A 124 3.94 -4.04 14.29
CA GLY A 124 5.33 -3.67 14.03
C GLY A 124 5.84 -3.99 12.65
N ILE A 125 4.93 -4.02 11.65
CA ILE A 125 5.29 -4.27 10.25
C ILE A 125 5.12 -2.98 9.43
N THR A 126 6.11 -2.69 8.57
CA THR A 126 6.05 -1.63 7.59
C THR A 126 6.10 -2.29 6.20
N HIS A 127 5.16 -1.93 5.31
CA HIS A 127 5.02 -2.47 3.94
C HIS A 127 6.18 -1.98 3.08
N ARG A 128 6.43 -0.64 3.10
CA ARG A 128 7.53 0.08 2.44
C ARG A 128 7.33 0.28 0.93
N ASP A 129 6.22 -0.19 0.35
CA ASP A 129 5.97 0.03 -1.08
C ASP A 129 4.47 0.20 -1.35
N ILE A 130 3.84 1.06 -0.56
CA ILE A 130 2.42 1.35 -0.74
C ILE A 130 2.27 2.21 -1.98
N LYS A 131 1.47 1.71 -2.94
CA LYS A 131 1.14 2.34 -4.22
C LYS A 131 -0.10 1.63 -4.80
N PRO A 132 -0.82 2.21 -5.79
CA PRO A 132 -2.08 1.59 -6.27
C PRO A 132 -1.92 0.21 -6.92
N GLU A 133 -0.73 -0.12 -7.44
CA GLU A 133 -0.43 -1.45 -7.98
C GLU A 133 -0.46 -2.50 -6.87
N ASN A 134 -0.15 -2.09 -5.62
CA ASN A 134 -0.11 -3.03 -4.49
C ASN A 134 -1.37 -3.00 -3.63
N LEU A 135 -2.41 -2.34 -4.12
CA LEU A 135 -3.70 -2.25 -3.43
C LEU A 135 -4.71 -2.92 -4.33
N LEU A 136 -5.09 -4.13 -3.94
CA LEU A 136 -5.99 -5.00 -4.71
C LEU A 136 -7.40 -4.90 -4.17
N LEU A 137 -8.37 -5.22 -5.03
CA LEU A 137 -9.77 -5.12 -4.70
C LEU A 137 -10.46 -6.47 -4.84
N ASP A 138 -11.26 -6.86 -3.84
CA ASP A 138 -11.98 -8.13 -3.90
C ASP A 138 -13.29 -7.91 -4.70
N GLU A 139 -14.18 -8.92 -4.73
CA GLU A 139 -15.45 -8.89 -5.46
C GLU A 139 -16.39 -7.74 -5.02
N ARG A 140 -16.32 -7.32 -3.73
CA ARG A 140 -17.13 -6.23 -3.19
C ARG A 140 -16.35 -4.90 -3.15
N ASP A 141 -15.24 -4.82 -3.92
CA ASP A 141 -14.36 -3.63 -3.99
C ASP A 141 -13.72 -3.29 -2.63
N ASN A 142 -13.42 -4.34 -1.81
CA ASN A 142 -12.73 -4.12 -0.54
C ASN A 142 -11.28 -4.14 -0.84
N LEU A 143 -10.59 -3.10 -0.38
CA LEU A 143 -9.17 -2.90 -0.57
C LEU A 143 -8.39 -3.88 0.31
N LYS A 144 -7.33 -4.45 -0.27
CA LYS A 144 -6.41 -5.37 0.37
C LYS A 144 -4.99 -4.98 0.04
N ILE A 145 -4.16 -4.79 1.08
CA ILE A 145 -2.75 -4.47 0.92
C ILE A 145 -2.03 -5.75 0.45
N SER A 146 -1.27 -5.63 -0.64
CA SER A 146 -0.59 -6.76 -1.28
C SER A 146 0.92 -6.61 -1.40
N ASP A 147 1.64 -7.77 -1.45
CA ASP A 147 3.07 -7.93 -1.69
C ASP A 147 3.93 -7.44 -0.50
N PHE A 148 4.31 -8.38 0.37
CA PHE A 148 5.12 -8.10 1.56
C PHE A 148 6.59 -8.46 1.34
N GLY A 149 6.99 -8.42 0.07
CA GLY A 149 8.34 -8.71 -0.38
C GLY A 149 9.34 -7.65 -0.01
N LEU A 150 8.89 -6.40 0.21
CA LEU A 150 9.77 -5.29 0.63
C LEU A 150 9.52 -4.92 2.08
N ALA A 151 8.57 -5.62 2.72
CA ALA A 151 8.13 -5.34 4.09
C ALA A 151 9.19 -5.74 5.12
N THR A 152 9.19 -5.09 6.30
CA THR A 152 10.13 -5.44 7.36
C THR A 152 9.56 -5.14 8.75
N VAL A 153 10.18 -5.75 9.77
CA VAL A 153 9.82 -5.53 11.17
C VAL A 153 10.52 -4.25 11.62
N PHE A 154 9.74 -3.26 12.10
CA PHE A 154 10.32 -2.01 12.59
C PHE A 154 10.14 -1.93 14.11
N ARG A 155 9.35 -2.84 14.71
CA ARG A 155 9.15 -2.85 16.16
C ARG A 155 9.11 -4.28 16.67
N TYR A 156 9.96 -4.58 17.63
CA TYR A 156 10.10 -5.91 18.20
C TYR A 156 10.40 -5.78 19.66
N ASN A 157 9.70 -6.58 20.49
CA ASN A 157 9.84 -6.52 21.94
C ASN A 157 9.63 -5.09 22.44
N ASN A 158 8.64 -4.40 21.80
CA ASN A 158 8.20 -3.01 22.05
CA ASN A 158 8.21 -3.02 22.08
C ASN A 158 9.36 -2.00 21.88
N ARG A 159 10.39 -2.38 21.11
CA ARG A 159 11.54 -1.50 20.83
CA ARG A 159 11.51 -1.50 20.84
C ARG A 159 11.56 -1.17 19.35
N GLU A 160 11.50 0.10 19.03
CA GLU A 160 11.51 0.53 17.65
C GLU A 160 12.93 0.56 17.09
N ARG A 161 13.07 0.04 15.88
CA ARG A 161 14.31 0.11 15.16
CA ARG A 161 14.28 0.03 15.09
C ARG A 161 14.12 1.08 13.99
N LEU A 162 15.08 1.99 13.84
CA LEU A 162 15.05 2.99 12.79
C LEU A 162 15.48 2.31 11.51
N LEU A 163 14.97 2.75 10.38
CA LEU A 163 15.35 2.11 9.12
C LEU A 163 16.42 2.95 8.42
N ASN A 164 17.12 2.32 7.47
CA ASN A 164 18.18 2.98 6.69
C ASN A 164 18.24 2.45 5.24
N LYS A 165 17.51 1.37 4.94
CA LYS A 165 17.53 0.82 3.59
C LYS A 165 16.58 1.59 2.69
N MET A 166 17.05 1.85 1.44
CA MET A 166 16.32 2.48 0.34
C MET A 166 15.37 1.47 -0.24
N CYS A 167 14.08 1.60 0.07
CA CYS A 167 13.03 0.69 -0.42
C CYS A 167 11.88 1.53 -0.96
N GLY A 168 11.13 0.96 -1.88
CA GLY A 168 9.97 1.64 -2.44
C GLY A 168 10.05 2.00 -3.90
N THR A 169 9.20 2.97 -4.29
CA THR A 169 9.04 3.44 -5.67
C THR A 169 9.11 4.93 -5.59
N LEU A 170 10.12 5.55 -6.23
CA LEU A 170 10.42 6.98 -6.17
C LEU A 170 9.20 7.94 -6.12
N PRO A 171 8.16 7.90 -6.98
CA PRO A 171 7.07 8.88 -6.83
C PRO A 171 6.33 8.79 -5.49
N TYR A 172 6.39 7.63 -4.80
CA TYR A 172 5.69 7.35 -3.55
C TYR A 172 6.60 7.45 -2.29
N VAL A 173 7.94 7.56 -2.44
CA VAL A 173 8.80 7.58 -1.24
C VAL A 173 8.77 8.91 -0.52
N ALA A 174 8.92 8.86 0.82
CA ALA A 174 8.95 10.07 1.65
C ALA A 174 10.31 10.78 1.43
N PRO A 175 10.42 12.12 1.54
CA PRO A 175 11.71 12.78 1.30
C PRO A 175 12.84 12.41 2.27
N GLU A 176 12.53 12.00 3.54
CA GLU A 176 13.59 11.64 4.51
C GLU A 176 14.37 10.43 4.03
N LEU A 177 13.72 9.55 3.26
CA LEU A 177 14.33 8.33 2.74
C LEU A 177 15.46 8.70 1.77
N LEU A 178 15.34 9.85 1.07
CA LEU A 178 16.43 10.32 0.19
C LEU A 178 17.41 11.28 0.93
N LYS A 179 17.03 11.90 2.04
CA LYS A 179 17.90 12.90 2.65
C LYS A 179 18.62 12.43 3.90
N ARG A 180 18.01 11.50 4.63
CA ARG A 180 18.54 11.09 5.92
C ARG A 180 19.06 9.70 5.85
N ARG A 181 20.11 9.42 6.65
CA ARG A 181 20.70 8.09 6.75
C ARG A 181 19.73 7.14 7.45
N GLU A 182 19.05 7.63 8.51
CA GLU A 182 18.07 6.87 9.30
C GLU A 182 16.75 7.60 9.41
N PHE A 183 15.68 6.83 9.53
CA PHE A 183 14.33 7.38 9.59
C PHE A 183 13.38 6.38 10.22
N HIS A 184 12.30 6.93 10.79
CA HIS A 184 11.21 6.19 11.39
C HIS A 184 10.37 5.55 10.27
N ALA A 185 9.95 4.30 10.47
CA ALA A 185 9.19 3.54 9.48
C ALA A 185 7.79 4.08 9.19
N GLU A 186 7.00 4.38 10.23
CA GLU A 186 5.58 4.73 10.09
C GLU A 186 5.33 6.01 9.30
N PRO A 187 6.05 7.15 9.52
CA PRO A 187 5.81 8.33 8.67
C PRO A 187 6.07 8.05 7.19
N VAL A 188 6.93 7.06 6.87
CA VAL A 188 7.23 6.74 5.46
C VAL A 188 5.97 6.13 4.79
N ASP A 189 5.27 5.21 5.48
CA ASP A 189 4.04 4.61 4.93
C ASP A 189 2.91 5.66 4.89
N VAL A 190 2.86 6.57 5.87
CA VAL A 190 1.84 7.64 5.91
C VAL A 190 1.98 8.53 4.65
N TRP A 191 3.21 8.90 4.29
CA TRP A 191 3.50 9.69 3.10
C TRP A 191 2.99 8.99 1.81
N SER A 192 3.36 7.72 1.59
CA SER A 192 2.98 6.95 0.40
C SER A 192 1.44 6.83 0.30
N CYS A 193 0.73 6.72 1.44
CA CYS A 193 -0.76 6.76 1.48
C CYS A 193 -1.28 8.13 1.00
N GLY A 194 -0.58 9.22 1.31
CA GLY A 194 -0.94 10.54 0.82
C GLY A 194 -0.72 10.67 -0.69
N ILE A 195 0.33 10.03 -1.23
CA ILE A 195 0.56 10.03 -2.69
C ILE A 195 -0.56 9.19 -3.37
N VAL A 196 -0.96 8.07 -2.73
CA VAL A 196 -2.06 7.21 -3.22
C VAL A 196 -3.34 8.07 -3.26
N LEU A 197 -3.64 8.78 -2.15
CA LEU A 197 -4.83 9.64 -2.07
C LEU A 197 -4.79 10.71 -3.21
N THR A 198 -3.62 11.34 -3.44
CA THR A 198 -3.45 12.32 -4.53
C THR A 198 -3.81 11.69 -5.88
N ALA A 199 -3.29 10.47 -6.15
CA ALA A 199 -3.51 9.75 -7.41
C ALA A 199 -4.98 9.46 -7.57
N MET A 200 -5.65 9.02 -6.49
CA MET A 200 -7.09 8.72 -6.54
C MET A 200 -7.93 9.95 -6.85
N LEU A 201 -7.52 11.13 -6.36
CA LEU A 201 -8.32 12.34 -6.54
C LEU A 201 -7.95 13.19 -7.77
N ALA A 202 -6.77 12.97 -8.36
CA ALA A 202 -6.32 13.80 -9.48
C ALA A 202 -5.91 12.99 -10.71
N GLY A 203 -5.72 11.68 -10.53
CA GLY A 203 -5.31 10.79 -11.62
C GLY A 203 -3.91 11.07 -12.14
N GLU A 204 -3.05 11.65 -11.29
CA GLU A 204 -1.67 11.94 -11.63
C GLU A 204 -0.83 11.97 -10.37
N LEU A 205 0.46 11.76 -10.55
CA LEU A 205 1.46 11.75 -9.49
C LEU A 205 2.06 13.13 -9.42
N PRO A 206 2.15 13.74 -8.22
CA PRO A 206 2.61 15.15 -8.17
C PRO A 206 4.07 15.37 -8.62
N TRP A 207 4.97 14.41 -8.37
CA TRP A 207 6.40 14.56 -8.76
C TRP A 207 7.03 13.20 -9.03
N ASP A 208 8.17 13.20 -9.72
CA ASP A 208 8.96 11.99 -10.01
C ASP A 208 9.62 11.47 -8.74
N GLN A 209 9.95 12.39 -7.81
CA GLN A 209 10.58 12.09 -6.51
C GLN A 209 10.49 13.32 -5.59
N PRO A 210 10.45 13.16 -4.23
CA PRO A 210 10.32 14.36 -3.37
C PRO A 210 11.68 15.00 -3.04
N SER A 211 12.27 15.69 -4.02
CA SER A 211 13.54 16.39 -3.83
C SER A 211 13.44 17.81 -4.32
N ASP A 212 14.24 18.72 -3.72
CA ASP A 212 14.29 20.16 -4.07
C ASP A 212 14.66 20.37 -5.54
N SER A 213 15.45 19.44 -6.12
CA SER A 213 15.84 19.44 -7.54
C SER A 213 14.60 19.25 -8.44
N CYS A 214 13.54 18.65 -7.89
CA CYS A 214 12.28 18.41 -8.58
C CYS A 214 11.36 19.64 -8.39
N GLN A 215 11.13 20.40 -9.51
CA GLN A 215 10.36 21.64 -9.58
C GLN A 215 8.94 21.49 -9.00
N GLU A 216 8.25 20.38 -9.34
CA GLU A 216 6.88 20.09 -8.87
C GLU A 216 6.85 19.95 -7.35
N TYR A 217 7.90 19.36 -6.77
CA TYR A 217 8.00 19.20 -5.33
C TYR A 217 8.27 20.56 -4.66
N SER A 218 9.12 21.39 -5.27
CA SER A 218 9.44 22.74 -4.79
C SER A 218 8.21 23.64 -4.76
N ASP A 219 7.34 23.54 -5.80
CA ASP A 219 6.09 24.29 -5.92
C ASP A 219 5.11 23.93 -4.80
N TRP A 220 5.02 22.63 -4.45
CA TRP A 220 4.18 22.14 -3.37
C TRP A 220 4.63 22.72 -2.02
N LYS A 221 5.96 22.73 -1.75
CA LYS A 221 6.51 23.30 -0.52
C LYS A 221 6.23 24.81 -0.45
N GLU A 222 6.19 25.48 -1.63
CA GLU A 222 5.86 26.89 -1.79
C GLU A 222 4.33 27.13 -1.73
N LYS A 223 3.54 26.04 -1.59
CA LYS A 223 2.06 26.01 -1.50
C LYS A 223 1.38 26.57 -2.79
N LYS A 224 1.91 26.23 -3.96
CA LYS A 224 1.32 26.65 -5.26
C LYS A 224 0.24 25.63 -5.66
N THR A 225 -0.88 25.61 -4.89
CA THR A 225 -1.96 24.65 -5.08
C THR A 225 -2.87 25.02 -6.28
N TYR A 226 -2.60 26.16 -6.96
CA TYR A 226 -3.34 26.60 -8.15
C TYR A 226 -2.86 25.82 -9.38
N LEU A 227 -1.79 25.01 -9.20
CA LEU A 227 -1.20 24.16 -10.23
C LEU A 227 -1.71 22.73 -10.09
N ASN A 228 -1.46 21.89 -11.10
CA ASN A 228 -1.81 20.48 -11.11
C ASN A 228 -0.80 19.72 -10.28
N PRO A 229 -1.18 18.66 -9.57
CA PRO A 229 -2.51 18.02 -9.50
C PRO A 229 -3.51 18.66 -8.53
N TRP A 230 -3.03 19.57 -7.67
CA TRP A 230 -3.74 20.15 -6.53
C TRP A 230 -5.00 20.93 -6.90
N LYS A 231 -5.03 21.56 -8.08
CA LYS A 231 -6.18 22.37 -8.51
C LYS A 231 -7.41 21.49 -8.82
N LYS A 232 -7.22 20.17 -9.07
CA LYS A 232 -8.33 19.24 -9.32
C LYS A 232 -8.94 18.69 -8.01
N ILE A 233 -8.31 18.99 -6.86
CA ILE A 233 -8.70 18.41 -5.57
C ILE A 233 -9.43 19.43 -4.71
N ASP A 234 -10.59 19.04 -4.15
CA ASP A 234 -11.40 19.89 -3.27
C ASP A 234 -10.58 20.28 -2.06
N SER A 235 -10.90 21.45 -1.47
CA SER A 235 -10.21 22.06 -0.34
C SER A 235 -10.17 21.15 0.92
N ALA A 236 -11.25 20.38 1.23
CA ALA A 236 -11.28 19.48 2.39
C ALA A 236 -10.23 18.30 2.21
N PRO A 237 -10.23 17.45 1.16
CA PRO A 237 -9.15 16.44 1.06
C PRO A 237 -7.76 17.06 0.86
N LEU A 238 -7.70 18.24 0.21
CA LEU A 238 -6.44 18.96 -0.02
C LEU A 238 -5.83 19.41 1.32
N ALA A 239 -6.68 19.82 2.31
CA ALA A 239 -6.24 20.21 3.66
C ALA A 239 -5.61 19.00 4.36
N LEU A 240 -6.14 17.78 4.10
CA LEU A 240 -5.59 16.56 4.64
C LEU A 240 -4.23 16.27 3.98
N LEU A 241 -4.13 16.43 2.65
CA LEU A 241 -2.87 16.23 1.91
C LEU A 241 -1.80 17.25 2.37
N HIS A 242 -2.22 18.47 2.76
CA HIS A 242 -1.30 19.46 3.33
C HIS A 242 -0.70 18.97 4.64
N LYS A 243 -1.38 18.09 5.37
CA LYS A 243 -0.91 17.56 6.66
C LYS A 243 -0.09 16.27 6.51
N ILE A 244 -0.36 15.49 5.45
CA ILE A 244 0.36 14.24 5.15
C ILE A 244 1.65 14.53 4.42
N LEU A 245 1.59 15.38 3.37
CA LEU A 245 2.76 15.59 2.54
C LEU A 245 3.63 16.72 3.11
N VAL A 246 3.99 16.56 4.39
CA VAL A 246 4.84 17.45 5.17
C VAL A 246 6.25 16.84 5.11
N GLU A 247 7.25 17.64 4.66
CA GLU A 247 8.65 17.21 4.49
C GLU A 247 9.28 16.67 5.79
N ASN A 248 9.10 17.38 6.92
CA ASN A 248 9.65 16.93 8.21
C ASN A 248 8.82 15.75 8.70
N PRO A 249 9.37 14.51 8.74
CA PRO A 249 8.57 13.35 9.19
C PRO A 249 8.07 13.45 10.64
N SER A 250 8.73 14.27 11.50
CA SER A 250 8.35 14.49 12.90
C SER A 250 7.14 15.45 13.00
N ALA A 251 6.92 16.28 11.97
CA ALA A 251 5.80 17.23 11.96
C ALA A 251 4.63 16.67 11.14
N ARG A 252 4.87 15.62 10.37
CA ARG A 252 3.86 14.96 9.53
C ARG A 252 2.75 14.37 10.42
N ILE A 253 1.51 14.45 9.97
CA ILE A 253 0.36 13.92 10.66
C ILE A 253 0.49 12.39 10.85
N THR A 254 0.07 11.89 12.02
CA THR A 254 0.10 10.46 12.30
C THR A 254 -1.27 9.89 11.92
N ILE A 255 -1.43 8.58 11.83
CA ILE A 255 -2.73 7.97 11.48
C ILE A 255 -3.78 8.31 12.55
N PRO A 256 -3.51 8.25 13.89
CA PRO A 256 -4.57 8.66 14.84
C PRO A 256 -5.14 10.04 14.55
N ASP A 257 -4.31 10.98 14.06
CA ASP A 257 -4.80 12.32 13.74
C ASP A 257 -5.44 12.38 12.35
N ILE A 258 -5.05 11.47 11.42
CA ILE A 258 -5.70 11.38 10.11
C ILE A 258 -7.18 11.01 10.33
N LYS A 259 -7.44 10.07 11.26
CA LYS A 259 -8.76 9.58 11.67
C LYS A 259 -9.64 10.69 12.30
N LYS A 260 -9.02 11.80 12.75
CA LYS A 260 -9.73 12.97 13.28
C LYS A 260 -9.89 14.07 12.21
N ASP A 261 -9.34 13.88 10.98
CA ASP A 261 -9.42 14.89 9.94
C ASP A 261 -10.88 15.10 9.49
N ARG A 262 -11.22 16.36 9.17
CA ARG A 262 -12.57 16.77 8.75
C ARG A 262 -13.01 16.02 7.47
N TRP A 263 -12.18 15.99 6.41
CA TRP A 263 -12.56 15.27 5.19
C TRP A 263 -12.65 13.77 5.44
N TYR A 264 -11.66 13.22 6.22
CA TYR A 264 -11.69 11.80 6.60
C TYR A 264 -13.06 11.39 7.17
N ASN A 265 -13.65 12.24 8.02
CA ASN A 265 -14.94 12.00 8.67
C ASN A 265 -16.14 12.66 7.96
N LYS A 266 -15.95 13.16 6.73
CA LYS A 266 -17.02 13.82 5.96
C LYS A 266 -17.96 12.77 5.34
N PRO A 267 -19.30 12.82 5.62
CA PRO A 267 -20.22 11.86 5.00
C PRO A 267 -20.34 12.15 3.50
N LEU A 268 -20.03 11.16 2.69
CA LEU A 268 -20.01 11.33 1.24
C LEU A 268 -20.65 10.17 0.51
N LYS A 269 -20.37 8.94 0.96
CA LYS A 269 -20.80 7.74 0.24
C LYS A 269 -21.95 6.99 0.87
N LYS A 270 -22.90 6.61 -0.02
CA LYS A 270 -24.09 5.80 0.27
C LYS A 270 -23.69 4.34 0.44
O5 5HK B . -7.94 -8.16 -15.00
C17 5HK B . -7.90 -9.14 -14.26
N3 5HK B . -7.58 -10.36 -14.72
C19 5HK B . -7.08 -10.56 -16.09
C18 5HK B . -7.66 -11.58 -13.92
C16 5HK B . -8.23 -8.99 -12.78
C15 5HK B . -7.00 -9.01 -11.91
C14 5HK B . -7.02 -9.60 -10.65
C20 5HK B . -5.81 -8.37 -12.31
C21 5HK B . -4.71 -8.31 -11.48
C22 5HK B . -4.76 -8.87 -10.21
C13 5HK B . -5.90 -9.58 -9.80
N2 5HK B . -6.00 -10.22 -8.55
C12 5HK B . -5.19 -10.58 -7.54
O4 5HK B . -5.66 -11.05 -6.51
N4 5HK B . -3.71 -8.58 -9.31
C23 5HK B . -3.05 -9.50 -8.48
C11 5HK B . -3.71 -10.45 -7.69
C10 5HK B . -2.94 -11.30 -6.91
C9 5HK B . -1.56 -11.19 -6.86
C24 5HK B . -1.66 -9.41 -8.43
C8 5HK B . -0.90 -10.23 -7.61
C4 5HK B . 0.55 -9.91 -7.39
C5 5HK B . 1.18 -10.26 -6.19
C6 5HK B . 2.55 -10.11 -6.00
O3 5HK B . 3.20 -10.39 -4.82
C7 5HK B . 2.42 -10.86 -3.71
C3 5HK B . 1.35 -9.40 -8.41
C2 5HK B . 2.71 -9.25 -8.27
C1 5HK B . 3.31 -9.59 -7.07
N1 5HK B . 4.75 -9.36 -6.97
O1 5HK B . 5.25 -8.45 -7.62
O2 5HK B . 5.42 -10.11 -6.27
H191 5HK B . -7.80 -11.06 -16.73
H193 5HK B . -6.17 -11.17 -16.10
H192 5HK B . -6.83 -9.63 -16.59
H182 5HK B . -7.29 -12.45 -14.46
H181 5HK B . -8.67 -11.82 -13.60
H183 5HK B . -7.07 -11.52 -13.01
H9 5HK B . -8.95 -9.76 -12.49
H8 5HK B . -8.72 -8.06 -12.56
H7 5HK B . -7.93 -10.11 -10.35
H10 5HK B . -5.76 -7.89 -13.29
H11 5HK B . -3.82 -7.80 -11.83
H6 5HK B . -6.96 -10.50 -8.37
H12 5HK B . -3.24 -7.70 -9.49
H5 5HK B . -3.40 -12.10 -6.33
H4 5HK B . -1.01 -11.91 -6.26
H13 5HK B . -1.17 -8.66 -9.05
H3 5HK B . 0.56 -10.65 -5.38
H71 5HK B . 1.98 -11.83 -3.96
H72 5HK B . 1.65 -10.18 -3.35
H73 5HK B . 3.16 -10.98 -2.91
H2 5HK B . 0.92 -9.13 -9.38
H1 5HK B . 3.29 -8.88 -9.11
S SO4 C . 15.66 -4.15 6.69
O1 SO4 C . 15.24 -4.32 5.26
O2 SO4 C . 15.01 -5.16 7.52
O3 SO4 C . 17.11 -4.30 6.82
O4 SO4 C . 15.27 -2.79 7.15
C1 GOL D . 5.33 3.59 -11.23
O1 GOL D . 4.73 4.14 -10.03
C2 GOL D . 5.74 2.09 -11.07
O2 GOL D . 5.06 1.32 -10.01
C3 GOL D . 7.27 1.91 -11.11
O3 GOL D . 7.63 0.58 -10.64
C1 IPA E . -1.21 6.18 -10.44
C2 IPA E . -1.16 7.56 -11.12
C3 IPA E . -2.56 8.11 -11.28
O2 IPA E . -0.60 7.45 -12.45
#